data_1S67
#
_entry.id   1S67
#
_cell.length_a   47.575
_cell.length_b   67.690
_cell.length_c   82.352
_cell.angle_alpha   90.00
_cell.angle_beta   90.00
_cell.angle_gamma   90.00
#
_symmetry.space_group_name_H-M   'P 21 21 21'
#
loop_
_entity.id
_entity.type
_entity.pdbx_description
1 polymer 'Hypothetical protein yddU'
2 non-polymer 'PROTOPORPHYRIN IX CONTAINING FE'
3 non-polymer 'OXYGEN MOLECULE'
4 water water
#
_entity_poly.entity_id   1
_entity_poly.type   'polypeptide(L)'
_entity_poly.pdbx_seq_one_letter_code
;NAADGIFFPALEQNMMGAVLINENDEVMFFNPAAEKLWGYKREEVIGNNIDMLIPRDLRPAHPEYIRHNREGGKARVEGM
SRELQLEKKDGSKIWTRFALSKVSAEGKVYYLALVRDAS
;
_entity_poly.pdbx_strand_id   L,U
#
loop_
_chem_comp.id
_chem_comp.type
_chem_comp.name
_chem_comp.formula
HEM non-polymer 'PROTOPORPHYRIN IX CONTAINING FE' 'C34 H32 Fe N4 O4'
OXY non-polymer 'OXYGEN MOLECULE' O2
#
# COMPACT_ATOMS: atom_id res chain seq x y z
N ASN A 1 10.06 -10.97 -15.30
CA ASN A 1 11.23 -10.38 -14.58
C ASN A 1 10.84 -9.98 -13.15
N ALA A 2 9.95 -9.00 -13.04
CA ALA A 2 9.41 -8.57 -11.74
C ALA A 2 8.12 -9.32 -11.43
N ALA A 3 7.42 -9.76 -12.47
CA ALA A 3 6.19 -10.54 -12.33
C ALA A 3 6.44 -11.93 -11.76
N ASP A 4 7.67 -12.42 -11.89
CA ASP A 4 8.06 -13.71 -11.32
C ASP A 4 8.26 -13.66 -9.80
N GLY A 5 8.47 -12.46 -9.26
CA GLY A 5 8.72 -12.27 -7.83
C GLY A 5 7.46 -12.16 -6.99
N ILE A 6 7.59 -11.47 -5.86
CA ILE A 6 6.49 -11.31 -4.90
C ILE A 6 6.06 -9.85 -4.68
N PHE A 7 6.93 -8.89 -5.02
CA PHE A 7 6.67 -7.48 -4.74
C PHE A 7 5.86 -6.79 -5.84
N PHE A 8 6.09 -7.18 -7.09
CA PHE A 8 5.25 -6.70 -8.20
C PHE A 8 3.79 -7.14 -8.07
N PRO A 9 3.53 -8.45 -7.89
CA PRO A 9 2.16 -8.93 -7.71
C PRO A 9 1.48 -8.44 -6.41
N ALA A 10 2.26 -7.94 -5.46
CA ALA A 10 1.70 -7.37 -4.23
C ALA A 10 1.02 -6.03 -4.49
N LEU A 11 1.66 -5.18 -5.29
CA LEU A 11 1.12 -3.86 -5.66
C LEU A 11 0.16 -3.94 -6.84
N GLU A 12 0.39 -4.90 -7.73
CA GLU A 12 -0.42 -5.08 -8.94
C GLU A 12 -1.80 -5.62 -8.60
N GLN A 13 -1.85 -6.56 -7.67
CA GLN A 13 -3.10 -7.18 -7.24
C GLN A 13 -3.58 -6.63 -5.89
N ASN A 14 -3.16 -5.41 -5.57
CA ASN A 14 -3.57 -4.75 -4.33
C ASN A 14 -4.97 -4.16 -4.47
N MET A 15 -5.75 -4.22 -3.40
CA MET A 15 -7.09 -3.64 -3.38
C MET A 15 -7.04 -2.11 -3.52
N MET A 16 -5.96 -1.52 -3.03
CA MET A 16 -5.71 -0.09 -3.18
C MET A 16 -5.07 0.18 -4.54
N GLY A 17 -5.50 1.26 -5.20
CA GLY A 17 -4.82 1.75 -6.39
C GLY A 17 -3.36 2.06 -6.10
N ALA A 18 -2.55 2.06 -7.15
CA ALA A 18 -1.10 2.25 -7.00
C ALA A 18 -0.55 3.02 -8.20
N VAL A 19 -0.23 4.29 -7.96
CA VAL A 19 0.27 5.18 -9.01
C VAL A 19 1.71 5.59 -8.68
N LEU A 20 2.67 5.04 -9.41
CA LEU A 20 4.07 5.39 -9.25
C LEU A 20 4.48 6.36 -10.34
N ILE A 21 5.27 7.38 -9.98
CA ILE A 21 5.86 8.31 -10.94
C ILE A 21 7.37 8.38 -10.77
N ASN A 22 8.09 8.50 -11.88
CA ASN A 22 9.55 8.63 -11.85
C ASN A 22 9.98 10.09 -11.64
N GLU A 23 11.27 10.38 -11.76
CA GLU A 23 11.80 11.73 -11.52
C GLU A 23 11.26 12.80 -12.47
N ASN A 24 10.86 12.40 -13.67
CA ASN A 24 10.30 13.32 -14.67
C ASN A 24 8.76 13.45 -14.61
N ASP A 25 8.18 13.08 -13.47
CA ASP A 25 6.73 13.13 -13.25
C ASP A 25 5.90 12.28 -14.24
N GLU A 26 6.50 11.22 -14.76
CA GLU A 26 5.83 10.32 -15.71
C GLU A 26 5.34 9.06 -15.00
N VAL A 27 4.05 8.74 -15.15
CA VAL A 27 3.46 7.59 -14.48
C VAL A 27 3.98 6.28 -15.10
N MET A 28 4.83 5.59 -14.35
CA MET A 28 5.40 4.32 -14.80
C MET A 28 4.65 3.09 -14.28
N PHE A 29 3.68 3.31 -13.39
CA PHE A 29 2.86 2.21 -12.85
C PHE A 29 1.42 2.66 -12.62
N PHE A 30 0.48 1.78 -12.94
CA PHE A 30 -0.96 2.07 -12.80
C PHE A 30 -1.76 0.76 -12.81
N ASN A 31 -1.88 0.15 -11.63
CA ASN A 31 -2.53 -1.17 -11.49
C ASN A 31 -4.05 -1.11 -11.70
N PRO A 32 -4.70 -2.27 -11.85
CA PRO A 32 -6.15 -2.33 -12.08
C PRO A 32 -7.05 -1.71 -11.00
N ALA A 33 -6.57 -1.60 -9.76
CA ALA A 33 -7.34 -0.95 -8.70
C ALA A 33 -7.46 0.55 -8.95
N ALA A 34 -6.41 1.15 -9.49
CA ALA A 34 -6.40 2.55 -9.88
C ALA A 34 -7.17 2.80 -11.18
N GLU A 35 -7.36 1.76 -11.99
CA GLU A 35 -8.16 1.86 -13.21
C GLU A 35 -9.63 2.06 -12.91
N LYS A 36 -10.10 1.50 -11.79
CA LYS A 36 -11.50 1.60 -11.38
C LYS A 36 -11.79 2.90 -10.62
N LEU A 37 -10.80 3.39 -9.89
CA LEU A 37 -10.93 4.64 -9.13
C LEU A 37 -10.97 5.86 -10.05
N TRP A 38 -10.11 5.87 -11.06
CA TRP A 38 -9.96 7.01 -11.96
C TRP A 38 -10.79 6.86 -13.25
N GLY A 39 -11.19 5.64 -13.57
CA GLY A 39 -11.88 5.36 -14.82
C GLY A 39 -10.98 5.39 -16.05
N TYR A 40 -9.67 5.31 -15.84
CA TYR A 40 -8.70 5.29 -16.93
C TYR A 40 -8.16 3.86 -17.10
N LYS A 41 -7.91 3.46 -18.35
CA LYS A 41 -7.20 2.22 -18.62
C LYS A 41 -5.71 2.44 -18.42
N ARG A 42 -4.94 1.36 -18.32
CA ARG A 42 -3.49 1.45 -18.11
C ARG A 42 -2.78 2.10 -19.30
N GLU A 43 -3.33 1.89 -20.50
CA GLU A 43 -2.72 2.42 -21.73
C GLU A 43 -2.83 3.94 -21.83
N GLU A 44 -3.86 4.51 -21.21
CA GLU A 44 -4.10 5.96 -21.25
C GLU A 44 -3.24 6.75 -20.25
N VAL A 45 -2.65 6.06 -19.27
CA VAL A 45 -1.94 6.74 -18.18
C VAL A 45 -0.41 6.58 -18.23
N ILE A 46 0.07 5.43 -18.71
CA ILE A 46 1.50 5.13 -18.68
C ILE A 46 2.25 5.92 -19.74
N GLY A 47 3.33 6.59 -19.33
CA GLY A 47 4.14 7.42 -20.21
C GLY A 47 3.78 8.90 -20.13
N ASN A 48 2.58 9.20 -19.64
CA ASN A 48 2.08 10.57 -19.57
C ASN A 48 2.38 11.22 -18.22
N ASN A 49 2.26 12.55 -18.17
CA ASN A 49 2.57 13.32 -16.98
C ASN A 49 1.58 13.09 -15.83
N ILE A 50 1.98 13.45 -14.62
CA ILE A 50 1.16 13.25 -13.42
C ILE A 50 -0.09 14.15 -13.38
N ASP A 51 -0.04 15.28 -14.07
CA ASP A 51 -1.13 16.26 -14.02
C ASP A 51 -2.44 15.80 -14.66
N MET A 52 -2.41 14.73 -15.44
CA MET A 52 -3.63 14.16 -16.02
C MET A 52 -4.52 13.49 -14.95
N LEU A 53 -3.88 12.93 -13.93
CA LEU A 53 -4.58 12.30 -12.81
C LEU A 53 -4.98 13.28 -11.71
N ILE A 54 -4.51 14.53 -11.80
CA ILE A 54 -4.90 15.56 -10.84
C ILE A 54 -6.21 16.19 -11.32
N PRO A 55 -7.12 16.53 -10.41
CA PRO A 55 -8.32 17.30 -10.77
C PRO A 55 -7.98 18.63 -11.45
N ARG A 56 -8.90 19.13 -12.28
CA ARG A 56 -8.65 20.35 -13.05
C ARG A 56 -8.58 21.61 -12.19
N ASP A 57 -9.35 21.62 -11.10
CA ASP A 57 -9.34 22.74 -10.16
C ASP A 57 -8.09 22.77 -9.26
N LEU A 58 -7.40 21.63 -9.16
CA LEU A 58 -6.18 21.52 -8.36
C LEU A 58 -4.91 21.45 -9.21
N ARG A 59 -5.06 21.59 -10.54
CA ARG A 59 -3.91 21.54 -11.45
C ARG A 59 -2.95 22.73 -11.32
N PRO A 60 -3.46 23.95 -11.11
CA PRO A 60 -2.61 25.12 -10.89
C PRO A 60 -1.64 25.01 -9.71
N ALA A 61 -1.99 24.24 -8.68
CA ALA A 61 -1.20 24.18 -7.45
C ALA A 61 -0.32 22.93 -7.31
N HIS A 62 -0.67 21.85 -8.02
CA HIS A 62 -0.03 20.55 -7.78
C HIS A 62 1.41 20.39 -8.29
N PRO A 63 1.75 20.96 -9.45
CA PRO A 63 3.13 20.96 -9.92
C PRO A 63 4.13 21.63 -8.97
N GLU A 64 3.67 22.58 -8.16
CA GLU A 64 4.50 23.27 -7.18
C GLU A 64 4.62 22.49 -5.86
N TYR A 65 3.66 21.61 -5.59
CA TYR A 65 3.74 20.72 -4.44
C TYR A 65 4.82 19.65 -4.64
N ILE A 66 4.87 19.08 -5.85
CA ILE A 66 5.84 18.04 -6.19
C ILE A 66 7.25 18.63 -6.29
N ARG A 67 7.36 19.81 -6.87
CA ARG A 67 8.65 20.48 -7.06
C ARG A 67 9.32 20.84 -5.73
N HIS A 68 8.50 21.23 -4.76
CA HIS A 68 8.99 21.62 -3.44
C HIS A 68 9.55 20.44 -2.66
N ASN A 69 8.90 19.28 -2.77
CA ASN A 69 9.32 18.07 -2.07
C ASN A 69 10.62 17.47 -2.65
N ARG A 70 10.84 17.68 -3.95
CA ARG A 70 12.04 17.21 -4.63
C ARG A 70 13.27 18.04 -4.23
N GLU A 71 13.08 19.34 -4.08
CA GLU A 71 14.15 20.26 -3.69
C GLU A 71 14.41 20.23 -2.18
N GLY A 72 13.46 19.69 -1.42
CA GLY A 72 13.53 19.69 0.03
C GLY A 72 14.55 18.71 0.57
N GLY A 73 14.45 17.45 0.16
CA GLY A 73 15.30 16.39 0.67
C GLY A 73 14.81 15.91 2.02
N LYS A 74 15.28 16.58 3.08
CA LYS A 74 14.85 16.29 4.46
C LYS A 74 15.26 14.89 4.94
N ALA A 75 16.38 14.40 4.41
CA ALA A 75 16.88 13.05 4.73
C ALA A 75 15.84 11.95 4.48
N ARG A 76 14.97 12.18 3.49
CA ARG A 76 13.88 11.26 3.15
C ARG A 76 12.82 11.15 4.25
N VAL A 77 11.57 11.49 3.92
CA VAL A 77 10.44 11.31 4.84
C VAL A 77 9.11 11.27 4.09
N GLU A 78 8.93 10.20 3.33
CA GLU A 78 7.67 9.84 2.66
C GLU A 78 6.72 11.03 2.41
N GLY A 79 5.91 11.35 3.41
CA GLY A 79 4.97 12.46 3.30
C GLY A 79 3.83 12.43 4.29
N MET A 80 2.67 11.90 3.85
CA MET A 80 1.43 12.05 4.61
C MET A 80 0.31 11.13 4.12
N SER A 81 -0.74 11.02 4.94
CA SER A 81 -1.97 10.32 4.56
C SER A 81 -3.19 11.19 4.88
N ARG A 82 -4.03 11.42 3.88
CA ARG A 82 -5.24 12.23 4.06
C ARG A 82 -6.29 11.93 2.98
N GLU A 83 -7.49 12.48 3.15
CA GLU A 83 -8.59 12.27 2.21
C GLU A 83 -8.62 13.37 1.14
N LEU A 84 -8.54 12.95 -0.12
CA LEU A 84 -8.49 13.88 -1.26
C LEU A 84 -9.59 13.60 -2.28
N GLN A 85 -10.12 14.66 -2.88
CA GLN A 85 -11.16 14.53 -3.89
C GLN A 85 -10.58 14.15 -5.26
N LEU A 86 -10.73 12.89 -5.63
CA LEU A 86 -10.28 12.36 -6.91
C LEU A 86 -11.28 12.73 -8.02
N GLU A 87 -10.77 13.19 -9.16
CA GLU A 87 -11.59 13.46 -10.34
C GLU A 87 -11.36 12.38 -11.40
N LYS A 88 -12.44 11.73 -11.83
CA LYS A 88 -12.40 10.67 -12.82
C LYS A 88 -12.29 11.23 -14.24
N LYS A 89 -12.29 10.33 -15.22
CA LYS A 89 -12.21 10.71 -16.63
C LYS A 89 -13.50 11.38 -17.09
N ASP A 90 -14.63 10.80 -16.72
CA ASP A 90 -15.95 11.29 -17.14
C ASP A 90 -16.38 12.61 -16.48
N GLY A 91 -15.66 13.04 -15.43
CA GLY A 91 -15.93 14.31 -14.78
C GLY A 91 -16.54 14.21 -13.40
N SER A 92 -17.08 13.03 -13.05
CA SER A 92 -17.65 12.80 -11.73
C SER A 92 -16.55 12.78 -10.66
N LYS A 93 -16.93 13.06 -9.41
CA LYS A 93 -15.97 13.16 -8.33
C LYS A 93 -16.32 12.25 -7.14
N ILE A 94 -15.33 11.51 -6.66
CA ILE A 94 -15.46 10.68 -5.46
C ILE A 94 -14.39 11.07 -4.44
N TRP A 95 -14.71 10.90 -3.16
CA TRP A 95 -13.72 11.14 -2.09
C TRP A 95 -12.96 9.85 -1.80
N THR A 96 -11.68 9.98 -1.49
CA THR A 96 -10.77 8.82 -1.36
C THR A 96 -9.87 8.95 -0.13
N ARG A 97 -8.88 8.05 -0.03
CA ARG A 97 -7.89 8.08 1.05
C ARG A 97 -6.51 7.75 0.48
N PHE A 98 -5.74 8.80 0.19
CA PHE A 98 -4.38 8.65 -0.31
C PHE A 98 -3.40 8.34 0.81
N ALA A 99 -2.26 7.73 0.44
CA ALA A 99 -1.19 7.41 1.37
C ALA A 99 0.14 7.58 0.64
N LEU A 100 0.50 8.84 0.40
CA LEU A 100 1.66 9.19 -0.42
C LEU A 100 2.97 8.78 0.24
N SER A 101 3.90 8.31 -0.58
CA SER A 101 5.22 7.87 -0.12
C SER A 101 6.32 8.37 -1.06
N LYS A 102 7.55 8.45 -0.53
CA LYS A 102 8.71 8.88 -1.29
C LYS A 102 9.72 7.73 -1.27
N VAL A 103 10.10 7.26 -2.46
CA VAL A 103 10.93 6.06 -2.59
C VAL A 103 12.18 6.33 -3.42
N SER A 104 13.32 6.47 -2.74
CA SER A 104 14.61 6.67 -3.39
C SER A 104 15.16 5.35 -3.91
N ALA A 105 15.46 5.30 -5.21
CA ALA A 105 16.03 4.10 -5.84
C ALA A 105 16.94 4.48 -7.01
N GLU A 106 18.19 4.02 -6.94
CA GLU A 106 19.21 4.30 -7.96
C GLU A 106 19.62 5.79 -8.00
N GLY A 107 19.51 6.47 -6.86
CA GLY A 107 19.86 7.88 -6.76
C GLY A 107 18.83 8.83 -7.32
N LYS A 108 17.66 8.32 -7.70
CA LYS A 108 16.56 9.12 -8.22
C LYS A 108 15.44 9.19 -7.19
N VAL A 109 14.42 10.00 -7.46
CA VAL A 109 13.26 10.11 -6.58
C VAL A 109 11.98 9.70 -7.33
N TYR A 110 11.15 8.90 -6.65
CA TYR A 110 9.86 8.49 -7.16
C TYR A 110 8.78 8.80 -6.11
N TYR A 111 7.52 8.49 -6.42
CA TYR A 111 6.41 8.71 -5.49
C TYR A 111 5.29 7.69 -5.72
N LEU A 112 4.95 6.90 -4.69
CA LEU A 112 3.86 5.93 -4.77
C LEU A 112 2.67 6.35 -3.91
N ALA A 113 1.57 6.72 -4.57
CA ALA A 113 0.33 7.10 -3.88
C ALA A 113 -0.64 5.91 -3.82
N LEU A 114 -0.86 5.37 -2.63
CA LEU A 114 -1.81 4.27 -2.44
C LEU A 114 -3.20 4.82 -2.10
N VAL A 115 -4.16 4.55 -2.98
CA VAL A 115 -5.49 5.16 -2.91
C VAL A 115 -6.58 4.10 -2.66
N ARG A 116 -7.63 4.49 -1.94
CA ARG A 116 -8.81 3.65 -1.77
C ARG A 116 -10.08 4.48 -1.66
N ASP A 117 -11.24 3.83 -1.80
CA ASP A 117 -12.53 4.53 -1.76
C ASP A 117 -12.91 4.90 -0.33
N ALA A 118 -13.24 6.18 -0.12
CA ALA A 118 -13.63 6.70 1.19
C ALA A 118 -14.99 7.40 1.10
N SER A 119 -15.94 6.74 0.44
CA SER A 119 -17.29 7.28 0.26
C SER A 119 -18.30 6.51 1.10
N GLY B 5 14.44 -3.66 -9.06
CA GLY B 5 13.42 -2.74 -9.66
C GLY B 5 12.97 -1.66 -8.69
N ILE B 6 11.78 -1.12 -8.94
CA ILE B 6 11.21 -0.07 -8.09
C ILE B 6 10.09 -0.57 -7.18
N PHE B 7 9.78 -1.86 -7.26
CA PHE B 7 8.64 -2.44 -6.52
C PHE B 7 9.01 -2.84 -5.10
N PHE B 8 10.23 -3.35 -4.90
CA PHE B 8 10.70 -3.68 -3.55
C PHE B 8 10.97 -2.41 -2.71
N PRO B 9 11.70 -1.44 -3.26
CA PRO B 9 11.87 -0.14 -2.58
C PRO B 9 10.56 0.60 -2.27
N ALA B 10 9.52 0.40 -3.07
CA ALA B 10 8.24 1.09 -2.88
C ALA B 10 7.52 0.64 -1.61
N LEU B 11 7.49 -0.68 -1.39
CA LEU B 11 6.86 -1.25 -0.20
C LEU B 11 7.76 -1.15 1.04
N GLU B 12 9.06 -1.13 0.81
CA GLU B 12 10.06 -1.04 1.88
C GLU B 12 10.06 0.36 2.50
N GLN B 13 9.92 1.37 1.63
CA GLN B 13 9.95 2.77 2.06
C GLN B 13 8.55 3.37 2.05
N ASN B 14 7.53 2.53 2.20
CA ASN B 14 6.15 2.99 2.26
C ASN B 14 5.84 3.50 3.67
N MET B 15 5.11 4.62 3.75
CA MET B 15 4.69 5.16 5.05
C MET B 15 3.75 4.20 5.78
N MET B 16 3.03 3.39 5.02
CA MET B 16 2.18 2.34 5.57
C MET B 16 3.04 1.10 5.86
N GLY B 17 2.79 0.46 7.00
CA GLY B 17 3.38 -0.84 7.30
C GLY B 17 3.00 -1.87 6.25
N ALA B 18 3.85 -2.88 6.08
CA ALA B 18 3.64 -3.88 5.05
C ALA B 18 4.03 -5.26 5.56
N VAL B 19 3.02 -6.12 5.79
CA VAL B 19 3.22 -7.45 6.34
C VAL B 19 2.77 -8.51 5.34
N LEU B 20 3.71 -9.00 4.54
CA LEU B 20 3.43 -10.08 3.60
C LEU B 20 3.59 -11.41 4.32
N ILE B 21 2.68 -12.35 4.05
CA ILE B 21 2.79 -13.73 4.55
C ILE B 21 2.68 -14.72 3.39
N ASN B 22 3.36 -15.86 3.50
CA ASN B 22 3.34 -16.89 2.47
C ASN B 22 2.22 -17.91 2.74
N GLU B 23 2.24 -19.02 2.01
CA GLU B 23 1.20 -20.06 2.11
C GLU B 23 1.00 -20.63 3.52
N ASN B 24 2.07 -20.72 4.31
CA ASN B 24 2.01 -21.26 5.67
C ASN B 24 1.92 -20.18 6.77
N ASP B 25 1.37 -19.02 6.42
CA ASP B 25 1.20 -17.90 7.36
C ASP B 25 2.50 -17.39 7.98
N GLU B 26 3.62 -17.55 7.28
CA GLU B 26 4.94 -17.11 7.77
C GLU B 26 5.29 -15.76 7.17
N VAL B 27 5.66 -14.80 8.03
CA VAL B 27 5.93 -13.42 7.59
C VAL B 27 7.22 -13.35 6.77
N MET B 28 7.08 -13.06 5.48
CA MET B 28 8.21 -12.96 4.56
C MET B 28 8.64 -11.51 4.30
N PHE B 29 7.86 -10.55 4.79
CA PHE B 29 8.18 -9.13 4.62
C PHE B 29 7.66 -8.31 5.80
N PHE B 30 8.47 -7.34 6.23
CA PHE B 30 8.14 -6.50 7.38
C PHE B 30 8.98 -5.22 7.35
N ASN B 31 8.47 -4.20 6.65
CA ASN B 31 9.20 -2.95 6.44
C ASN B 31 9.25 -2.08 7.71
N PRO B 32 10.09 -1.04 7.72
CA PRO B 32 10.25 -0.17 8.91
C PRO B 32 8.99 0.58 9.37
N ALA B 33 8.00 0.75 8.50
CA ALA B 33 6.73 1.36 8.91
C ALA B 33 5.95 0.42 9.84
N ALA B 34 6.02 -0.87 9.55
CA ALA B 34 5.43 -1.91 10.40
C ALA B 34 6.23 -2.14 11.68
N GLU B 35 7.51 -1.75 11.68
CA GLU B 35 8.34 -1.87 12.88
C GLU B 35 7.91 -0.89 13.97
N LYS B 36 7.44 0.29 13.55
CA LYS B 36 7.01 1.32 14.49
C LYS B 36 5.57 1.11 14.98
N LEU B 37 4.76 0.47 14.14
CA LEU B 37 3.37 0.18 14.49
C LEU B 37 3.27 -0.94 15.53
N TRP B 38 4.09 -1.98 15.36
CA TRP B 38 4.02 -3.18 16.19
C TRP B 38 5.07 -3.21 17.31
N GLY B 39 6.08 -2.36 17.22
CA GLY B 39 7.18 -2.35 18.18
C GLY B 39 8.13 -3.53 18.04
N TYR B 40 8.05 -4.25 16.92
CA TYR B 40 8.93 -5.38 16.63
C TYR B 40 9.89 -4.98 15.52
N LYS B 41 11.16 -5.40 15.63
CA LYS B 41 12.09 -5.26 14.52
C LYS B 41 11.80 -6.35 13.49
N ARG B 42 12.27 -6.16 12.26
CA ARG B 42 12.00 -7.11 11.19
C ARG B 42 12.74 -8.43 11.37
N GLU B 43 13.83 -8.41 12.14
CA GLU B 43 14.59 -9.61 12.44
C GLU B 43 13.79 -10.56 13.34
N GLU B 44 13.01 -9.99 14.25
CA GLU B 44 12.19 -10.76 15.19
C GLU B 44 10.98 -11.44 14.53
N VAL B 45 10.51 -10.88 13.42
CA VAL B 45 9.24 -11.31 12.81
C VAL B 45 9.42 -12.25 11.61
N ILE B 46 10.49 -12.06 10.83
CA ILE B 46 10.69 -12.81 9.58
C ILE B 46 10.99 -14.28 9.84
N GLY B 47 10.22 -15.16 9.20
CA GLY B 47 10.37 -16.60 9.34
C GLY B 47 9.37 -17.23 10.27
N ASN B 48 9.01 -16.51 11.33
CA ASN B 48 8.05 -17.00 12.33
C ASN B 48 6.61 -16.87 11.83
N ASN B 49 5.68 -17.48 12.57
CA ASN B 49 4.27 -17.46 12.21
C ASN B 49 3.63 -16.09 12.43
N ILE B 50 2.47 -15.89 11.81
CA ILE B 50 1.71 -14.63 11.93
C ILE B 50 1.15 -14.43 13.34
N ASP B 51 1.02 -15.51 14.10
CA ASP B 51 0.49 -15.49 15.46
C ASP B 51 0.95 -14.30 16.30
N MET B 52 2.25 -13.99 16.27
CA MET B 52 2.81 -12.93 17.11
C MET B 52 2.23 -11.54 16.80
N LEU B 53 1.99 -11.26 15.53
CA LEU B 53 1.44 -9.98 15.08
C LEU B 53 -0.06 -9.83 15.36
N ILE B 54 -0.75 -10.94 15.60
CA ILE B 54 -2.16 -10.91 15.99
C ILE B 54 -2.26 -10.60 17.48
N PRO B 55 -3.20 -9.75 17.88
CA PRO B 55 -3.46 -9.50 19.32
C PRO B 55 -3.74 -10.78 20.10
N ARG B 56 -3.37 -10.81 21.37
CA ARG B 56 -3.48 -12.02 22.19
C ARG B 56 -4.93 -12.47 22.43
N ASP B 57 -5.86 -11.52 22.47
CA ASP B 57 -7.28 -11.84 22.65
C ASP B 57 -7.93 -12.44 21.38
N LEU B 58 -7.29 -12.25 20.23
CA LEU B 58 -7.76 -12.78 18.96
C LEU B 58 -6.88 -13.92 18.44
N ARG B 59 -5.88 -14.33 19.24
CA ARG B 59 -4.91 -15.36 18.82
C ARG B 59 -5.55 -16.69 18.38
N PRO B 60 -6.47 -17.24 19.18
CA PRO B 60 -7.10 -18.52 18.85
C PRO B 60 -8.00 -18.51 17.60
N ALA B 61 -8.71 -17.39 17.36
CA ALA B 61 -9.72 -17.33 16.30
C ALA B 61 -9.17 -16.99 14.92
N HIS B 62 -8.06 -16.26 14.87
CA HIS B 62 -7.55 -15.70 13.62
C HIS B 62 -7.05 -16.71 12.58
N PRO B 63 -6.38 -17.78 12.99
CA PRO B 63 -5.94 -18.83 12.06
C PRO B 63 -7.06 -19.48 11.24
N GLU B 64 -8.28 -19.56 11.80
CA GLU B 64 -9.42 -20.14 11.10
C GLU B 64 -9.99 -19.17 10.04
N TYR B 65 -9.86 -17.87 10.26
CA TYR B 65 -10.30 -16.86 9.30
C TYR B 65 -9.40 -16.79 8.06
N ILE B 66 -8.11 -17.06 8.24
CA ILE B 66 -7.16 -17.10 7.13
C ILE B 66 -7.38 -18.35 6.28
N ARG B 67 -7.55 -19.48 6.95
CA ARG B 67 -7.74 -20.78 6.29
C ARG B 67 -9.02 -20.82 5.46
N HIS B 68 -10.07 -20.18 5.96
CA HIS B 68 -11.37 -20.13 5.28
C HIS B 68 -11.29 -19.25 4.03
N ASN B 69 -10.48 -18.20 4.09
CA ASN B 69 -10.27 -17.30 2.94
C ASN B 69 -9.48 -17.96 1.81
N ARG B 70 -8.60 -18.90 2.16
CA ARG B 70 -7.78 -19.61 1.18
C ARG B 70 -8.60 -20.63 0.39
N GLU B 71 -9.49 -21.34 1.08
CA GLU B 71 -10.33 -22.37 0.46
C GLU B 71 -11.47 -21.77 -0.37
N GLY B 72 -11.80 -20.51 -0.12
CA GLY B 72 -12.90 -19.85 -0.82
C GLY B 72 -12.62 -19.62 -2.29
N GLY B 73 -11.42 -19.12 -2.59
CA GLY B 73 -11.00 -18.86 -3.96
C GLY B 73 -11.14 -17.40 -4.36
N LYS B 74 -12.11 -16.70 -3.77
CA LYS B 74 -12.33 -15.26 -3.98
C LYS B 74 -11.04 -14.44 -4.08
N ALA B 75 -10.99 -13.53 -5.03
CA ALA B 75 -9.83 -12.67 -5.25
C ALA B 75 -9.81 -11.52 -4.24
N ARG B 76 -10.92 -10.80 -4.14
CA ARG B 76 -11.03 -9.64 -3.26
C ARG B 76 -11.33 -10.06 -1.82
N VAL B 77 -10.52 -9.57 -0.88
CA VAL B 77 -10.74 -9.78 0.54
C VAL B 77 -11.66 -8.68 1.08
N GLU B 78 -12.81 -9.08 1.59
CA GLU B 78 -13.81 -8.12 2.09
C GLU B 78 -13.70 -7.88 3.60
N GLY B 79 -12.95 -8.73 4.29
CA GLY B 79 -12.75 -8.59 5.73
C GLY B 79 -11.75 -7.52 6.09
N MET B 80 -11.68 -7.20 7.38
CA MET B 80 -10.78 -6.16 7.90
C MET B 80 -10.98 -4.82 7.19
N SER B 81 -12.24 -4.40 7.08
CA SER B 81 -12.57 -3.17 6.36
C SER B 81 -12.58 -1.93 7.25
N ARG B 82 -13.08 -2.08 8.48
CA ARG B 82 -13.14 -0.97 9.44
C ARG B 82 -11.97 -1.01 10.43
N GLU B 83 -11.90 -0.01 11.31
CA GLU B 83 -10.78 0.15 12.24
C GLU B 83 -10.64 -1.04 13.19
N LEU B 84 -9.41 -1.52 13.37
CA LEU B 84 -9.11 -2.66 14.24
C LEU B 84 -7.98 -2.34 15.21
N GLN B 85 -7.98 -3.02 16.36
CA GLN B 85 -7.02 -2.77 17.42
C GLN B 85 -5.75 -3.63 17.28
N LEU B 86 -4.65 -2.99 16.89
CA LEU B 86 -3.35 -3.62 16.80
C LEU B 86 -2.71 -3.65 18.20
N GLU B 87 -2.14 -4.80 18.57
CA GLU B 87 -1.39 -4.92 19.82
C GLU B 87 0.11 -4.95 19.55
N LYS B 88 0.86 -4.16 20.32
CA LYS B 88 2.31 -4.05 20.17
C LYS B 88 3.02 -5.13 21.00
N LYS B 89 4.35 -5.07 21.02
CA LYS B 89 5.17 -6.00 21.77
C LYS B 89 5.01 -5.78 23.28
N ASP B 90 5.06 -4.51 23.69
CA ASP B 90 4.95 -4.14 25.11
C ASP B 90 3.55 -4.31 25.72
N GLY B 91 2.54 -4.54 24.88
CA GLY B 91 1.19 -4.81 25.36
C GLY B 91 0.19 -3.68 25.15
N SER B 92 0.70 -2.46 24.96
CA SER B 92 -0.16 -1.31 24.68
C SER B 92 -0.85 -1.45 23.33
N LYS B 93 -1.95 -0.72 23.14
CA LYS B 93 -2.79 -0.87 21.96
C LYS B 93 -3.05 0.46 21.25
N ILE B 94 -2.92 0.45 19.92
CA ILE B 94 -3.24 1.60 19.07
C ILE B 94 -4.26 1.21 18.01
N TRP B 95 -5.07 2.17 17.59
CA TRP B 95 -6.08 1.93 16.54
C TRP B 95 -5.45 2.15 15.16
N THR B 96 -5.90 1.35 14.19
CA THR B 96 -5.29 1.31 12.85
C THR B 96 -6.33 1.10 11.75
N ARG B 97 -5.85 1.05 10.50
CA ARG B 97 -6.70 0.76 9.34
C ARG B 97 -5.97 -0.18 8.39
N PHE B 98 -6.53 -1.38 8.21
CA PHE B 98 -5.92 -2.42 7.36
C PHE B 98 -6.54 -2.45 5.97
N ALA B 99 -5.69 -2.57 4.95
CA ALA B 99 -6.10 -2.71 3.56
C ALA B 99 -5.58 -4.04 3.02
N LEU B 100 -6.28 -5.11 3.38
CA LEU B 100 -5.83 -6.47 3.11
C LEU B 100 -6.07 -6.88 1.65
N SER B 101 -5.12 -7.62 1.08
CA SER B 101 -5.17 -8.02 -0.33
C SER B 101 -4.60 -9.42 -0.56
N LYS B 102 -5.36 -10.27 -1.23
CA LYS B 102 -4.85 -11.57 -1.68
C LYS B 102 -3.92 -11.37 -2.87
N VAL B 103 -2.76 -12.02 -2.83
CA VAL B 103 -1.71 -11.82 -3.84
C VAL B 103 -1.25 -13.15 -4.43
N SER B 104 -1.71 -13.45 -5.64
CA SER B 104 -1.26 -14.66 -6.35
C SER B 104 0.16 -14.46 -6.86
N ALA B 105 1.14 -14.95 -6.08
CA ALA B 105 2.56 -14.80 -6.41
C ALA B 105 3.33 -16.09 -6.18
N GLU B 106 4.20 -16.43 -7.13
CA GLU B 106 5.06 -17.61 -7.05
C GLU B 106 4.29 -18.94 -7.08
N GLY B 107 3.11 -18.92 -7.70
CA GLY B 107 2.27 -20.11 -7.80
C GLY B 107 1.65 -20.52 -6.48
N LYS B 108 1.46 -19.53 -5.59
CA LYS B 108 0.90 -19.75 -4.26
C LYS B 108 0.01 -18.57 -3.86
N VAL B 109 -0.60 -18.68 -2.67
CA VAL B 109 -1.44 -17.61 -2.14
C VAL B 109 -0.69 -16.86 -1.03
N TYR B 110 -0.69 -15.53 -1.13
CA TYR B 110 -0.06 -14.66 -0.13
C TYR B 110 -1.12 -13.68 0.42
N TYR B 111 -0.71 -12.84 1.37
CA TYR B 111 -1.57 -11.77 1.88
C TYR B 111 -0.73 -10.57 2.34
N LEU B 112 -0.97 -9.41 1.73
CA LEU B 112 -0.29 -8.17 2.12
C LEU B 112 -1.25 -7.25 2.87
N ALA B 113 -0.93 -6.97 4.14
CA ALA B 113 -1.73 -6.07 4.97
C ALA B 113 -1.06 -4.71 5.07
N LEU B 114 -1.60 -3.73 4.36
CA LEU B 114 -1.10 -2.35 4.42
C LEU B 114 -1.77 -1.60 5.57
N VAL B 115 -0.98 -1.20 6.56
CA VAL B 115 -1.50 -0.66 7.82
C VAL B 115 -1.08 0.81 8.01
N ARG B 116 -1.95 1.59 8.64
CA ARG B 116 -1.64 2.97 9.02
C ARG B 116 -2.22 3.31 10.40
N ASP B 117 -1.68 4.35 11.02
CA ASP B 117 -2.15 4.78 12.33
C ASP B 117 -3.42 5.62 12.18
N ALA B 118 -4.52 5.14 12.76
CA ALA B 118 -5.81 5.83 12.74
C ALA B 118 -6.24 6.24 14.14
N SER B 119 -5.31 6.82 14.90
CA SER B 119 -5.58 7.26 16.27
C SER B 119 -6.40 8.53 16.28
CHA HEM C . 0.87 17.09 -2.73
CHB HEM C . -3.73 16.47 -4.13
CHC HEM C . -2.44 12.63 -6.80
CHD HEM C . 2.23 13.46 -5.74
C1A HEM C . -0.48 17.24 -2.85
C2A HEM C . -1.30 18.20 -2.14
C3A HEM C . -2.57 18.03 -2.51
C4A HEM C . -2.62 16.95 -3.49
CMA HEM C . -3.77 18.85 -1.99
CAA HEM C . -0.77 19.23 -1.11
CBA HEM C . -0.52 18.56 0.25
CGA HEM C . -1.62 18.86 1.24
O1A HEM C . -2.16 19.99 1.25
O2A HEM C . -1.95 17.95 2.05
C1B HEM C . -3.79 15.40 -5.00
C2B HEM C . -4.96 14.94 -5.72
C3B HEM C . -4.60 13.87 -6.45
C4B HEM C . -3.18 13.63 -6.23
CMB HEM C . -6.37 15.56 -5.64
CAB HEM C . -5.51 13.05 -7.38
CBB HEM C . -6.60 12.46 -6.88
C1C HEM C . -1.07 12.47 -6.70
C2C HEM C . -0.29 11.36 -7.20
C3C HEM C . 1.00 11.60 -6.91
C4C HEM C . 1.07 12.86 -6.21
CMC HEM C . -0.86 10.13 -7.95
CAC HEM C . 2.21 10.71 -7.24
CBC HEM C . 2.14 9.38 -7.14
C1D HEM C . 2.31 14.46 -4.80
C2D HEM C . 3.53 14.88 -4.13
C3D HEM C . 3.10 16.02 -3.19
C4D HEM C . 1.68 16.17 -3.38
CMD HEM C . 4.94 14.30 -4.31
CAD HEM C . 4.01 16.83 -2.23
CBD HEM C . 3.76 16.38 -0.79
CGD HEM C . 4.13 17.49 0.16
O1D HEM C . 3.21 18.20 0.63
O2D HEM C . 5.34 17.66 0.44
NA HEM C . -1.32 16.50 -3.67
NB HEM C . -2.72 14.58 -5.34
NC HEM C . -0.21 13.37 -6.10
ND HEM C . 1.25 15.24 -4.34
FE HEM C . -0.72 15.02 -4.98
O1 OXY D . -0.95 13.38 -3.11
O2 OXY D . -1.17 12.42 -2.66
CHA HEM E . -9.56 -11.65 9.10
CHB HEM E . -7.98 -9.14 12.95
CHC HEM E . -3.50 -9.02 11.06
CHD HEM E . -4.98 -11.82 7.36
C1A HEM E . -9.52 -11.00 10.32
C2A HEM E . -10.62 -10.87 11.26
C3A HEM E . -10.18 -10.19 12.31
C4A HEM E . -8.79 -9.85 12.08
CMA HEM E . -11.02 -9.81 13.56
CAA HEM E . -12.05 -11.43 11.08
CBA HEM E . -12.99 -10.28 10.70
CGA HEM E . -13.22 -9.64 9.56
O1A HEM E . -13.62 -10.19 8.65
O2A HEM E . -12.79 -8.51 9.55
C1B HEM E . -6.64 -8.87 12.76
C2B HEM E . -5.80 -8.08 13.64
C3B HEM E . -4.57 -8.05 13.12
C4B HEM E . -4.58 -8.82 11.90
CMB HEM E . -6.27 -7.41 14.95
CAB HEM E . -3.34 -7.32 13.71
CBB HEM E . -3.40 -6.02 13.98
C1C HEM E . -3.51 -9.74 9.88
C2C HEM E . -2.40 -9.88 8.95
C3C HEM E . -2.82 -10.65 7.94
C4C HEM E . -4.20 -11.02 8.18
CMC HEM E . -1.01 -9.25 9.13
CAC HEM E . -1.99 -11.10 6.70
CBC HEM E . -1.19 -10.24 6.07
C1D HEM E . -6.34 -12.03 7.46
C2D HEM E . -7.14 -12.76 6.51
C3D HEM E . -8.57 -12.70 7.05
C4D HEM E . -8.49 -11.94 8.28
CMD HEM E . -6.66 -13.45 5.21
CAD HEM E . -9.84 -13.32 6.42
CBD HEM E . -10.77 -12.21 5.93
CGD HEM E . -11.87 -12.78 5.07
O1D HEM E . -12.27 -13.95 5.27
O2D HEM E . -12.35 -12.04 4.17
NA HEM E . -8.42 -10.37 10.86
NB HEM E . -5.86 -9.31 11.71
NC HEM E . -4.58 -10.45 9.37
ND HEM E . -7.17 -11.57 8.48
FE HEM E . -6.48 -10.59 10.19
#